data_1KR1
#
_entry.id   1KR1
#
_cell.length_a   50.795
_cell.length_b   57.054
_cell.length_c   81.671
_cell.angle_alpha   90.00
_cell.angle_beta   90.00
_cell.angle_gamma   90.00
#
_symmetry.space_group_name_H-M   'P 21 21 21'
#
loop_
_entity.id
_entity.type
_entity.pdbx_description
1 polymer 'Hevamine A'
2 branched 2-acetamido-2-deoxy-beta-D-glucopyranose-(1-4)-2-acetamido-2-deoxy-beta-D-glucopyranose-(1-4)-2-acetamido-2-deoxy-beta-D-glucopyranose-(1-4)-2-acetamido-2-deoxy-beta-D-glucopyranose
3 non-polymer 'SULFATE ION'
4 water water
#
_entity_poly.entity_id   1
_entity_poly.type   'polypeptide(L)'
_entity_poly.pdbx_seq_one_letter_code
;GGIAIYWGQNGNEGTLTQTCSTRKYSYVNIAFLNKFGNGQTPQINLAGHCNPAAGGCTIVSNGIRSCQIQGIKVMLSLGG
GIGSYTLASQADAKNVADYLWNNFLGGKSSSRPLGDAVLDGIDFAIAHGSTLYWDDLARYLSAYSKQGKKVYLTAAPQCP
FPDRYLGTALNTGLFDYVWVQFYNNPPCQYSSGNINNIINSWNRWTTSINAGKIFLGLPAAPEAAGSGYVPPDVLISRIL
PEIKKSPKYGGVMLWSKFYDDKNGYSSSILDSV
;
_entity_poly.pdbx_strand_id   A
#
loop_
_chem_comp.id
_chem_comp.type
_chem_comp.name
_chem_comp.formula
NAG D-saccharide, beta linking 2-acetamido-2-deoxy-beta-D-glucopyranose 'C8 H15 N O6'
SO4 non-polymer 'SULFATE ION' 'O4 S -2'
#
# COMPACT_ATOMS: atom_id res chain seq x y z
N GLY A 1 15.71 -7.45 -1.84
CA GLY A 1 14.26 -7.44 -1.79
C GLY A 1 13.64 -6.87 -3.06
N GLY A 2 12.44 -6.31 -2.93
CA GLY A 2 11.75 -5.76 -4.07
C GLY A 2 11.10 -4.42 -3.77
N ILE A 3 10.65 -3.72 -4.80
CA ILE A 3 10.02 -2.42 -4.64
C ILE A 3 8.50 -2.49 -4.78
N ALA A 4 7.80 -1.83 -3.86
CA ALA A 4 6.34 -1.75 -3.91
C ALA A 4 6.00 -0.34 -4.37
N ILE A 5 5.14 -0.22 -5.37
CA ILE A 5 4.78 1.09 -5.90
C ILE A 5 3.27 1.35 -5.78
N TYR A 6 2.91 2.61 -5.52
CA TYR A 6 1.52 3.00 -5.47
C TYR A 6 1.15 3.61 -6.81
N TRP A 7 0.07 3.09 -7.40
CA TRP A 7 -0.39 3.56 -8.70
C TRP A 7 -1.87 3.96 -8.66
N GLY A 8 -2.22 5.03 -9.36
CA GLY A 8 -3.61 5.44 -9.42
C GLY A 8 -4.00 6.87 -9.11
N GLN A 9 -3.11 7.64 -8.50
CA GLN A 9 -3.45 9.01 -8.12
C GLN A 9 -3.02 10.14 -9.05
N ASN A 10 -2.67 9.79 -10.29
CA ASN A 10 -2.30 10.78 -11.28
C ASN A 10 -2.45 10.15 -12.66
N GLY A 11 -3.46 10.61 -13.41
CA GLY A 11 -3.73 10.07 -14.72
C GLY A 11 -2.59 10.13 -15.73
N ASN A 12 -1.54 10.89 -15.42
CA ASN A 12 -0.41 11.03 -16.33
C ASN A 12 0.74 10.07 -16.03
N GLU A 13 0.58 9.23 -15.01
CA GLU A 13 1.64 8.32 -14.61
C GLU A 13 1.68 7.01 -15.40
N GLY A 14 0.80 6.89 -16.38
CA GLY A 14 0.78 5.69 -17.21
C GLY A 14 -0.22 4.64 -16.76
N THR A 15 -0.50 3.67 -17.63
CA THR A 15 -1.45 2.60 -17.31
C THR A 15 -0.83 1.61 -16.33
N LEU A 16 -1.67 0.78 -15.72
CA LEU A 16 -1.19 -0.22 -14.79
C LEU A 16 -0.33 -1.24 -15.54
N THR A 17 -0.69 -1.50 -16.80
CA THR A 17 0.06 -2.43 -17.63
C THR A 17 1.48 -1.93 -17.87
N GLN A 18 1.60 -0.67 -18.25
CA GLN A 18 2.92 -0.07 -18.49
C GLN A 18 3.72 -0.06 -17.21
N THR A 19 3.05 0.25 -16.10
CA THR A 19 3.68 0.30 -14.79
C THR A 19 4.36 -1.01 -14.42
N CYS A 20 3.65 -2.12 -14.59
CA CYS A 20 4.19 -3.43 -14.26
C CYS A 20 5.20 -3.94 -15.28
N SER A 21 5.07 -3.49 -16.52
CA SER A 21 5.97 -3.94 -17.57
C SER A 21 7.34 -3.28 -17.49
N THR A 22 7.52 -2.38 -16.53
CA THR A 22 8.81 -1.72 -16.36
C THR A 22 9.78 -2.71 -15.71
N ARG A 23 9.22 -3.77 -15.11
CA ARG A 23 10.00 -4.81 -14.46
C ARG A 23 10.73 -4.27 -13.23
N LYS A 24 10.31 -3.12 -12.73
CA LYS A 24 10.96 -2.52 -11.57
C LYS A 24 10.20 -2.73 -10.27
N TYR A 25 8.93 -3.11 -10.36
CA TYR A 25 8.11 -3.28 -9.17
C TYR A 25 7.69 -4.73 -8.93
N SER A 26 7.74 -5.15 -7.67
CA SER A 26 7.35 -6.50 -7.28
C SER A 26 5.92 -6.49 -6.73
N TYR A 27 5.49 -5.32 -6.25
CA TYR A 27 4.15 -5.16 -5.71
C TYR A 27 3.53 -3.85 -6.18
N VAL A 28 2.24 -3.87 -6.48
CA VAL A 28 1.54 -2.67 -6.91
C VAL A 28 0.29 -2.48 -6.06
N ASN A 29 0.18 -1.30 -5.45
CA ASN A 29 -0.99 -0.96 -4.64
C ASN A 29 -1.86 0.04 -5.41
N ILE A 30 -3.07 -0.37 -5.75
CA ILE A 30 -3.99 0.51 -6.48
C ILE A 30 -4.65 1.47 -5.51
N ALA A 31 -4.35 2.76 -5.67
CA ALA A 31 -4.85 3.82 -4.79
C ALA A 31 -5.89 4.67 -5.50
N PHE A 32 -7.06 4.89 -4.89
CA PHE A 32 -7.41 4.36 -3.56
C PHE A 32 -8.91 4.04 -3.54
N LEU A 33 -9.33 3.27 -2.55
CA LEU A 33 -10.75 3.07 -2.29
C LEU A 33 -10.86 3.99 -1.09
N ASN A 34 -11.07 5.28 -1.34
CA ASN A 34 -11.08 6.28 -0.28
C ASN A 34 -12.43 6.58 0.36
N LYS A 35 -13.46 5.81 0.01
CA LYS A 35 -14.77 6.03 0.57
C LYS A 35 -15.49 4.73 0.88
N PHE A 36 -15.90 4.58 2.14
CA PHE A 36 -16.62 3.41 2.61
C PHE A 36 -16.85 3.53 4.12
N GLY A 37 -17.73 2.69 4.65
CA GLY A 37 -18.00 2.72 6.08
C GLY A 37 -19.10 3.67 6.48
N ASN A 38 -19.74 3.38 7.61
CA ASN A 38 -20.81 4.19 8.15
C ASN A 38 -21.99 4.37 7.18
N GLY A 39 -22.28 3.33 6.40
CA GLY A 39 -23.39 3.36 5.48
C GLY A 39 -23.13 3.96 4.12
N GLN A 40 -21.90 4.43 3.88
CA GLN A 40 -21.56 5.04 2.60
C GLN A 40 -21.38 3.98 1.52
N THR A 41 -21.71 4.34 0.28
CA THR A 41 -21.52 3.44 -0.84
C THR A 41 -20.03 3.45 -1.18
N PRO A 42 -19.36 2.30 -1.08
CA PRO A 42 -17.93 2.25 -1.38
C PRO A 42 -17.64 2.89 -2.74
N GLN A 43 -16.59 3.70 -2.80
CA GLN A 43 -16.23 4.38 -4.04
C GLN A 43 -14.72 4.44 -4.23
N ILE A 44 -14.27 4.07 -5.41
CA ILE A 44 -12.84 4.09 -5.70
C ILE A 44 -12.47 5.37 -6.45
N ASN A 45 -11.26 5.84 -6.24
CA ASN A 45 -10.77 7.05 -6.92
C ASN A 45 -9.43 6.76 -7.55
N LEU A 46 -9.37 6.85 -8.88
CA LEU A 46 -8.12 6.63 -9.60
C LEU A 46 -7.77 7.89 -10.39
N ALA A 47 -7.97 9.04 -9.76
CA ALA A 47 -7.67 10.34 -10.36
C ALA A 47 -8.14 10.42 -11.82
N GLY A 48 -7.24 10.86 -12.70
CA GLY A 48 -7.61 11.00 -14.11
C GLY A 48 -7.47 9.76 -14.97
N HIS A 49 -7.19 8.62 -14.35
CA HIS A 49 -7.05 7.37 -15.09
C HIS A 49 -8.35 6.92 -15.73
N CYS A 50 -9.40 6.85 -14.92
CA CYS A 50 -10.72 6.41 -15.38
C CYS A 50 -11.77 6.86 -14.39
N ASN A 51 -13.03 6.84 -14.82
CA ASN A 51 -14.16 7.19 -13.96
C ASN A 51 -14.85 5.87 -13.64
N PRO A 52 -14.79 5.44 -12.36
CA PRO A 52 -15.39 4.18 -11.90
C PRO A 52 -16.89 4.01 -12.16
N ALA A 53 -17.63 5.11 -12.14
CA ALA A 53 -19.08 5.05 -12.35
C ALA A 53 -19.42 4.42 -13.71
N ALA A 54 -20.40 3.53 -13.72
CA ALA A 54 -20.85 2.87 -14.93
C ALA A 54 -19.78 1.94 -15.54
N GLY A 55 -18.97 1.36 -14.66
CA GLY A 55 -17.93 0.44 -15.12
C GLY A 55 -16.84 1.09 -15.97
N GLY A 56 -16.60 2.38 -15.75
CA GLY A 56 -15.60 3.09 -16.53
C GLY A 56 -14.17 2.69 -16.20
N CYS A 57 -13.98 1.98 -15.10
CA CYS A 57 -12.64 1.55 -14.69
C CYS A 57 -12.44 0.04 -14.80
N THR A 58 -13.43 -0.67 -15.32
CA THR A 58 -13.31 -2.12 -15.44
C THR A 58 -12.15 -2.53 -16.34
N ILE A 59 -11.67 -1.59 -17.15
CA ILE A 59 -10.57 -1.84 -18.07
C ILE A 59 -9.27 -2.15 -17.31
N VAL A 60 -9.21 -1.73 -16.05
CA VAL A 60 -8.04 -1.96 -15.22
C VAL A 60 -7.72 -3.45 -15.03
N SER A 61 -8.73 -4.31 -15.25
CA SER A 61 -8.54 -5.74 -15.12
C SER A 61 -7.43 -6.25 -16.02
N ASN A 62 -7.28 -5.64 -17.19
CA ASN A 62 -6.24 -6.04 -18.12
C ASN A 62 -4.87 -5.83 -17.48
N GLY A 63 -4.70 -4.69 -16.81
CA GLY A 63 -3.44 -4.39 -16.16
C GLY A 63 -3.19 -5.33 -15.00
N ILE A 64 -4.24 -5.55 -14.20
CA ILE A 64 -4.14 -6.44 -13.04
C ILE A 64 -3.66 -7.82 -13.46
N ARG A 65 -4.27 -8.37 -14.51
CA ARG A 65 -3.88 -9.69 -15.00
C ARG A 65 -2.48 -9.67 -15.60
N SER A 66 -2.17 -8.60 -16.31
CA SER A 66 -0.85 -8.46 -16.94
C SER A 66 0.23 -8.46 -15.86
N CYS A 67 -0.04 -7.77 -14.75
CA CYS A 67 0.90 -7.71 -13.64
C CYS A 67 1.07 -9.08 -13.01
N GLN A 68 -0.06 -9.70 -12.70
CA GLN A 68 -0.08 -11.01 -12.05
C GLN A 68 0.65 -12.11 -12.81
N ILE A 69 0.50 -12.13 -14.14
CA ILE A 69 1.18 -13.14 -14.94
C ILE A 69 2.69 -12.93 -14.85
N GLN A 70 3.09 -11.72 -14.48
CA GLN A 70 4.49 -11.37 -14.34
C GLN A 70 4.98 -11.65 -12.92
N GLY A 71 4.12 -12.26 -12.11
CA GLY A 71 4.48 -12.58 -10.74
C GLY A 71 4.29 -11.44 -9.76
N ILE A 72 3.73 -10.33 -10.23
CA ILE A 72 3.51 -9.16 -9.38
C ILE A 72 2.20 -9.26 -8.63
N LYS A 73 2.23 -8.98 -7.33
CA LYS A 73 1.02 -9.02 -6.51
C LYS A 73 0.37 -7.65 -6.49
N VAL A 74 -0.92 -7.61 -6.80
CA VAL A 74 -1.67 -6.35 -6.84
C VAL A 74 -2.72 -6.27 -5.72
N MET A 75 -2.64 -5.21 -4.92
CA MET A 75 -3.58 -5.01 -3.82
C MET A 75 -4.42 -3.76 -4.04
N LEU A 76 -5.62 -3.76 -3.46
CA LEU A 76 -6.49 -2.59 -3.49
C LEU A 76 -6.17 -1.84 -2.21
N SER A 77 -5.71 -0.60 -2.33
CA SER A 77 -5.35 0.19 -1.17
C SER A 77 -6.54 0.94 -0.59
N LEU A 78 -6.82 0.70 0.69
CA LEU A 78 -7.93 1.35 1.38
C LEU A 78 -7.42 2.62 2.07
N GLY A 79 -8.17 3.72 1.92
CA GLY A 79 -7.78 4.94 2.60
C GLY A 79 -7.06 5.99 1.76
N GLY A 80 -5.87 6.36 2.21
CA GLY A 80 -5.10 7.37 1.51
C GLY A 80 -5.17 8.69 2.26
N GLY A 81 -4.52 9.72 1.71
CA GLY A 81 -4.52 11.01 2.37
C GLY A 81 -5.87 11.70 2.42
N ILE A 82 -6.69 11.46 1.39
CA ILE A 82 -8.00 12.09 1.31
C ILE A 82 -9.13 11.05 1.32
N GLY A 83 -10.24 11.37 1.97
CA GLY A 83 -11.36 10.46 2.01
C GLY A 83 -12.14 10.44 3.30
N SER A 84 -13.43 10.11 3.21
CA SER A 84 -14.29 10.03 4.38
C SER A 84 -14.42 8.57 4.80
N TYR A 85 -13.46 7.75 4.35
CA TYR A 85 -13.45 6.34 4.69
C TYR A 85 -13.43 6.15 6.20
N THR A 86 -14.13 5.12 6.68
CA THR A 86 -14.18 4.85 8.11
C THR A 86 -14.88 3.52 8.39
N LEU A 87 -14.97 3.18 9.66
CA LEU A 87 -15.67 1.97 10.12
C LEU A 87 -16.41 2.38 11.39
N ALA A 88 -17.74 2.31 11.35
CA ALA A 88 -18.56 2.72 12.49
C ALA A 88 -18.70 1.64 13.57
N SER A 89 -18.48 0.38 13.19
CA SER A 89 -18.63 -0.72 14.13
C SER A 89 -17.97 -2.00 13.62
N GLN A 90 -18.07 -3.06 14.41
CA GLN A 90 -17.51 -4.34 14.01
C GLN A 90 -18.38 -4.90 12.88
N ALA A 91 -19.66 -4.57 12.92
CA ALA A 91 -20.60 -5.02 11.90
C ALA A 91 -20.21 -4.35 10.59
N ASP A 92 -19.84 -3.07 10.68
CA ASP A 92 -19.44 -2.30 9.51
C ASP A 92 -18.22 -2.97 8.89
N ALA A 93 -17.30 -3.43 9.74
CA ALA A 93 -16.10 -4.10 9.29
C ALA A 93 -16.45 -5.34 8.48
N LYS A 94 -17.45 -6.08 8.96
CA LYS A 94 -17.89 -7.30 8.29
C LYS A 94 -18.52 -6.97 6.94
N ASN A 95 -19.35 -5.93 6.91
CA ASN A 95 -20.01 -5.50 5.68
C ASN A 95 -18.98 -5.07 4.63
N VAL A 96 -17.98 -4.32 5.05
CA VAL A 96 -16.93 -3.86 4.15
C VAL A 96 -16.09 -5.05 3.65
N ALA A 97 -15.80 -5.99 4.54
CA ALA A 97 -15.05 -7.16 4.17
C ALA A 97 -15.78 -7.97 3.09
N ASP A 98 -17.09 -8.17 3.28
CA ASP A 98 -17.88 -8.91 2.32
C ASP A 98 -17.97 -8.13 1.01
N TYR A 99 -18.00 -6.81 1.10
CA TYR A 99 -18.06 -5.97 -0.09
C TYR A 99 -16.78 -6.18 -0.89
N LEU A 100 -15.64 -6.08 -0.21
CA LEU A 100 -14.34 -6.26 -0.85
C LEU A 100 -14.20 -7.64 -1.48
N TRP A 101 -14.75 -8.64 -0.81
CA TRP A 101 -14.69 -10.02 -1.30
C TRP A 101 -15.44 -10.18 -2.62
N ASN A 102 -16.68 -9.69 -2.66
CA ASN A 102 -17.51 -9.82 -3.86
C ASN A 102 -17.16 -8.85 -4.99
N ASN A 103 -16.51 -7.74 -4.67
CA ASN A 103 -16.18 -6.74 -5.68
C ASN A 103 -14.73 -6.68 -6.14
N PHE A 104 -13.81 -7.16 -5.32
CA PHE A 104 -12.40 -7.12 -5.66
C PHE A 104 -11.68 -8.45 -5.52
N LEU A 105 -12.30 -9.38 -4.82
CA LEU A 105 -11.67 -10.68 -4.59
C LEU A 105 -12.40 -11.85 -5.24
N GLY A 106 -12.49 -12.98 -4.54
CA GLY A 106 -13.12 -14.16 -5.09
C GLY A 106 -14.63 -14.23 -5.08
N GLY A 107 -15.30 -13.16 -4.64
CA GLY A 107 -16.75 -13.16 -4.59
C GLY A 107 -17.40 -12.80 -5.92
N LYS A 108 -18.66 -12.39 -5.87
CA LYS A 108 -19.39 -12.02 -7.08
C LYS A 108 -20.14 -10.71 -6.97
N SER A 109 -20.15 -9.94 -8.05
CA SER A 109 -20.83 -8.65 -8.10
C SER A 109 -21.08 -8.23 -9.55
N SER A 110 -22.23 -7.61 -9.80
CA SER A 110 -22.57 -7.15 -11.14
C SER A 110 -21.94 -5.81 -11.45
N SER A 111 -21.23 -5.26 -10.47
CA SER A 111 -20.58 -3.97 -10.65
C SER A 111 -19.22 -3.88 -9.95
N ARG A 112 -18.32 -4.80 -10.29
CA ARG A 112 -16.98 -4.80 -9.73
C ARG A 112 -16.26 -3.58 -10.33
N PRO A 113 -15.89 -2.60 -9.48
CA PRO A 113 -15.21 -1.38 -9.90
C PRO A 113 -14.06 -1.52 -10.88
N LEU A 114 -13.21 -2.52 -10.69
CA LEU A 114 -12.06 -2.69 -11.56
C LEU A 114 -12.13 -3.88 -12.51
N GLY A 115 -13.29 -4.52 -12.59
CA GLY A 115 -13.44 -5.66 -13.49
C GLY A 115 -13.49 -7.02 -12.83
N ASP A 116 -13.43 -8.07 -13.66
CA ASP A 116 -13.48 -9.44 -13.17
C ASP A 116 -12.17 -9.99 -12.61
N ALA A 117 -11.10 -9.22 -12.72
CA ALA A 117 -9.81 -9.66 -12.20
C ALA A 117 -9.89 -9.81 -10.69
N VAL A 118 -9.20 -10.82 -10.15
CA VAL A 118 -9.20 -11.05 -8.71
C VAL A 118 -7.89 -10.53 -8.11
N LEU A 119 -7.99 -9.44 -7.35
CA LEU A 119 -6.81 -8.86 -6.72
C LEU A 119 -6.17 -9.86 -5.77
N ASP A 120 -4.87 -9.69 -5.54
CA ASP A 120 -4.12 -10.58 -4.67
C ASP A 120 -4.40 -10.30 -3.20
N GLY A 121 -4.74 -9.07 -2.87
CA GLY A 121 -5.02 -8.73 -1.48
C GLY A 121 -5.54 -7.33 -1.26
N ILE A 122 -5.56 -6.91 0.00
CA ILE A 122 -6.04 -5.60 0.39
C ILE A 122 -4.96 -4.85 1.18
N ASP A 123 -4.74 -3.59 0.85
CA ASP A 123 -3.74 -2.76 1.51
C ASP A 123 -4.39 -1.74 2.44
N PHE A 124 -3.91 -1.66 3.68
CA PHE A 124 -4.45 -0.74 4.67
C PHE A 124 -3.65 0.56 4.77
N ALA A 125 -4.17 1.62 4.16
CA ALA A 125 -3.53 2.93 4.19
C ALA A 125 -4.43 3.89 4.95
N ILE A 126 -4.79 3.50 6.17
CA ILE A 126 -5.67 4.31 7.03
C ILE A 126 -4.86 5.37 7.76
N ALA A 127 -5.06 6.63 7.35
CA ALA A 127 -4.32 7.74 7.94
C ALA A 127 -5.16 8.62 8.88
N HIS A 128 -6.47 8.47 8.83
CA HIS A 128 -7.34 9.28 9.69
C HIS A 128 -8.73 8.67 9.84
N GLY A 129 -9.53 9.29 10.71
CA GLY A 129 -10.89 8.80 10.93
C GLY A 129 -11.01 7.87 12.12
N SER A 130 -11.55 6.68 11.86
CA SER A 130 -11.74 5.67 12.90
C SER A 130 -10.45 4.99 13.31
N THR A 131 -10.26 4.81 14.61
CA THR A 131 -9.08 4.14 15.12
C THR A 131 -9.44 2.70 15.48
N LEU A 132 -10.73 2.39 15.46
CA LEU A 132 -11.20 1.05 15.81
C LEU A 132 -11.71 0.22 14.64
N TYR A 133 -11.87 -1.07 14.90
CA TYR A 133 -12.43 -2.04 13.96
C TYR A 133 -11.57 -2.43 12.77
N TRP A 134 -10.39 -1.83 12.62
CA TRP A 134 -9.51 -2.19 11.51
C TRP A 134 -8.92 -3.59 11.71
N ASP A 135 -8.84 -4.01 12.95
CA ASP A 135 -8.33 -5.36 13.25
C ASP A 135 -9.40 -6.39 12.91
N ASP A 136 -10.66 -6.00 13.09
CA ASP A 136 -11.79 -6.88 12.76
C ASP A 136 -11.84 -7.08 11.24
N LEU A 137 -11.67 -5.98 10.50
CA LEU A 137 -11.68 -6.03 9.05
C LEU A 137 -10.60 -6.98 8.57
N ALA A 138 -9.43 -6.89 9.17
CA ALA A 138 -8.31 -7.74 8.81
C ALA A 138 -8.68 -9.21 9.03
N ARG A 139 -9.27 -9.50 10.20
CA ARG A 139 -9.67 -10.85 10.53
C ARG A 139 -10.71 -11.41 9.56
N TYR A 140 -11.69 -10.60 9.21
CA TYR A 140 -12.74 -11.05 8.30
C TYR A 140 -12.18 -11.28 6.90
N LEU A 141 -11.30 -10.40 6.45
CA LEU A 141 -10.70 -10.54 5.13
C LEU A 141 -9.83 -11.79 5.09
N SER A 142 -9.07 -12.00 6.15
CA SER A 142 -8.18 -13.15 6.25
C SER A 142 -8.96 -14.46 6.24
N ALA A 143 -10.13 -14.47 6.86
CA ALA A 143 -10.96 -15.66 6.94
C ALA A 143 -11.38 -16.15 5.56
N TYR A 144 -11.38 -15.24 4.58
CA TYR A 144 -11.76 -15.58 3.23
C TYR A 144 -10.72 -16.42 2.49
N SER A 145 -9.49 -16.39 2.99
CA SER A 145 -8.41 -17.16 2.37
C SER A 145 -8.67 -18.65 2.50
N LYS A 146 -9.42 -19.05 3.54
CA LYS A 146 -9.72 -20.46 3.76
C LYS A 146 -10.58 -21.09 2.68
N GLN A 147 -11.16 -20.26 1.82
CA GLN A 147 -12.00 -20.77 0.73
C GLN A 147 -11.20 -21.29 -0.45
N GLY A 148 -9.89 -21.13 -0.41
CA GLY A 148 -9.07 -21.63 -1.49
C GLY A 148 -7.90 -20.75 -1.90
N LYS A 149 -8.17 -19.47 -2.16
CA LYS A 149 -7.12 -18.56 -2.59
C LYS A 149 -6.77 -17.54 -1.50
N LYS A 150 -5.48 -17.44 -1.20
CA LYS A 150 -4.98 -16.54 -0.17
C LYS A 150 -5.27 -15.09 -0.48
N VAL A 151 -5.83 -14.39 0.51
CA VAL A 151 -6.11 -12.97 0.38
C VAL A 151 -4.98 -12.26 1.13
N TYR A 152 -4.02 -11.72 0.38
CA TYR A 152 -2.90 -11.02 0.99
C TYR A 152 -3.37 -9.78 1.75
N LEU A 153 -2.66 -9.48 2.84
CA LEU A 153 -2.97 -8.33 3.67
C LEU A 153 -1.70 -7.50 3.86
N THR A 154 -1.76 -6.25 3.43
CA THR A 154 -0.63 -5.34 3.54
C THR A 154 -1.05 -4.07 4.24
N ALA A 155 -0.07 -3.32 4.78
CA ALA A 155 -0.37 -2.10 5.49
C ALA A 155 0.68 -1.02 5.28
N ALA A 156 0.24 0.23 5.23
CA ALA A 156 1.12 1.37 5.06
C ALA A 156 0.97 2.32 6.23
N PRO A 157 1.45 1.92 7.42
CA PRO A 157 1.35 2.75 8.62
C PRO A 157 2.35 3.91 8.61
N GLN A 158 2.05 4.96 9.37
CA GLN A 158 2.95 6.11 9.50
C GLN A 158 4.14 5.59 10.29
N CYS A 159 5.31 6.19 10.11
CA CYS A 159 6.48 5.69 10.83
C CYS A 159 6.47 5.85 12.35
N PRO A 160 5.67 6.79 12.90
CA PRO A 160 5.67 6.90 14.36
C PRO A 160 5.06 5.64 14.98
N PHE A 161 5.88 4.88 15.69
CA PHE A 161 5.44 3.64 16.31
C PHE A 161 5.00 3.81 17.77
N PRO A 162 3.86 3.22 18.15
CA PRO A 162 2.99 2.43 17.27
C PRO A 162 2.03 3.32 16.49
N ASP A 163 1.49 2.77 15.39
CA ASP A 163 0.56 3.51 14.55
C ASP A 163 -0.82 3.61 15.20
N ARG A 164 -1.29 4.83 15.35
CA ARG A 164 -2.57 5.12 15.98
C ARG A 164 -3.78 4.41 15.37
N TYR A 165 -3.74 4.14 14.07
CA TYR A 165 -4.86 3.51 13.39
C TYR A 165 -4.65 2.04 13.03
N LEU A 166 -3.41 1.66 12.75
CA LEU A 166 -3.11 0.29 12.34
C LEU A 166 -2.36 -0.57 13.36
N GLY A 167 -2.09 0.00 14.52
CA GLY A 167 -1.37 -0.73 15.55
C GLY A 167 -2.02 -2.04 15.98
N THR A 168 -3.32 -1.99 16.28
CA THR A 168 -4.04 -3.18 16.72
C THR A 168 -4.16 -4.21 15.59
N ALA A 169 -4.43 -3.72 14.39
CA ALA A 169 -4.56 -4.61 13.23
C ALA A 169 -3.25 -5.34 12.94
N LEU A 170 -2.13 -4.64 13.11
CA LEU A 170 -0.82 -5.23 12.87
C LEU A 170 -0.45 -6.21 13.98
N ASN A 171 -1.02 -6.01 15.16
CA ASN A 171 -0.77 -6.89 16.30
C ASN A 171 -1.38 -8.27 16.10
N THR A 172 -2.32 -8.40 15.17
CA THR A 172 -2.97 -9.68 14.92
C THR A 172 -1.99 -10.65 14.27
N GLY A 173 -0.96 -10.12 13.62
CA GLY A 173 0.02 -10.95 12.97
C GLY A 173 -0.50 -11.52 11.66
N LEU A 174 -1.58 -10.94 11.15
CA LEU A 174 -2.20 -11.40 9.92
C LEU A 174 -1.65 -10.73 8.66
N PHE A 175 -0.81 -9.71 8.84
CA PHE A 175 -0.26 -8.99 7.69
C PHE A 175 0.99 -9.62 7.07
N ASP A 176 0.97 -9.70 5.75
CA ASP A 176 2.07 -10.28 4.98
C ASP A 176 3.18 -9.26 4.74
N TYR A 177 2.79 -8.09 4.27
CA TYR A 177 3.75 -7.04 3.97
C TYR A 177 3.36 -5.72 4.63
N VAL A 178 4.34 -5.08 5.26
CA VAL A 178 4.09 -3.80 5.91
C VAL A 178 5.12 -2.80 5.41
N TRP A 179 4.66 -1.82 4.64
CA TRP A 179 5.57 -0.78 4.16
C TRP A 179 5.33 0.49 4.95
N VAL A 180 6.19 0.71 5.95
CA VAL A 180 6.09 1.87 6.82
C VAL A 180 6.46 3.14 6.07
N GLN A 181 5.66 4.19 6.28
CA GLN A 181 5.88 5.46 5.60
C GLN A 181 6.82 6.37 6.40
N PHE A 182 8.08 6.42 5.96
CA PHE A 182 9.10 7.23 6.62
C PHE A 182 9.19 8.62 5.98
N TYR A 183 8.07 9.32 5.97
CA TYR A 183 7.98 10.68 5.44
C TYR A 183 6.75 11.38 6.03
N ASN A 184 6.67 12.69 5.90
CA ASN A 184 5.57 13.47 6.47
C ASN A 184 5.47 13.23 7.97
N ASN A 185 6.60 12.85 8.57
CA ASN A 185 6.69 12.59 10.00
C ASN A 185 8.12 12.89 10.42
N PRO A 186 8.41 14.14 10.81
CA PRO A 186 9.73 14.62 11.25
C PRO A 186 10.50 13.74 12.23
N PRO A 187 9.84 13.23 13.28
CA PRO A 187 10.54 12.40 14.27
C PRO A 187 11.14 11.08 13.77
N CYS A 188 10.63 10.55 12.65
CA CYS A 188 11.14 9.28 12.15
C CYS A 188 11.52 9.23 10.68
N GLN A 189 11.74 10.40 10.07
CA GLN A 189 12.13 10.46 8.66
C GLN A 189 13.54 10.99 8.48
N TYR A 190 14.02 10.93 7.25
CA TYR A 190 15.35 11.41 6.93
C TYR A 190 15.41 12.93 6.97
N SER A 191 16.57 13.44 7.37
CA SER A 191 16.82 14.88 7.45
C SER A 191 18.24 15.08 6.92
N SER A 192 18.43 16.09 6.07
CA SER A 192 19.74 16.36 5.48
C SER A 192 20.91 16.02 6.40
N GLY A 193 21.66 14.98 6.03
CA GLY A 193 22.83 14.59 6.83
C GLY A 193 22.55 13.71 8.03
N ASN A 194 21.28 13.58 8.40
CA ASN A 194 20.93 12.77 9.56
C ASN A 194 20.02 11.59 9.21
N ILE A 195 20.49 10.39 9.53
CA ILE A 195 19.75 9.17 9.26
C ILE A 195 19.41 8.46 10.58
N ASN A 196 19.74 9.10 11.70
CA ASN A 196 19.50 8.52 13.02
C ASN A 196 18.03 8.26 13.32
N ASN A 197 17.17 9.23 13.02
CA ASN A 197 15.75 9.11 13.30
C ASN A 197 15.06 8.02 12.49
N ILE A 198 15.42 7.87 11.22
CA ILE A 198 14.79 6.85 10.39
C ILE A 198 15.31 5.46 10.76
N ILE A 199 16.59 5.36 11.09
CA ILE A 199 17.17 4.08 11.47
C ILE A 199 16.59 3.62 12.81
N ASN A 200 16.47 4.54 13.75
CA ASN A 200 15.94 4.24 15.06
C ASN A 200 14.50 3.78 14.93
N SER A 201 13.77 4.38 13.99
CA SER A 201 12.39 4.04 13.73
C SER A 201 12.32 2.65 13.10
N TRP A 202 13.21 2.39 12.14
CA TRP A 202 13.25 1.11 11.47
C TRP A 202 13.52 -0.02 12.47
N ASN A 203 14.38 0.24 13.45
CA ASN A 203 14.69 -0.78 14.45
C ASN A 203 13.48 -1.11 15.32
N ARG A 204 12.64 -0.12 15.57
CA ARG A 204 11.44 -0.33 16.37
C ARG A 204 10.38 -1.13 15.62
N TRP A 205 10.25 -0.89 14.32
CA TRP A 205 9.26 -1.59 13.51
C TRP A 205 9.65 -3.03 13.23
N THR A 206 10.95 -3.30 13.07
CA THR A 206 11.42 -4.64 12.78
C THR A 206 11.62 -5.50 14.04
N THR A 207 11.50 -4.90 15.21
CA THR A 207 11.66 -5.65 16.45
C THR A 207 10.40 -5.53 17.31
N SER A 208 9.23 -5.69 16.69
CA SER A 208 7.98 -5.60 17.40
C SER A 208 6.88 -6.42 16.74
N ILE A 209 6.16 -5.80 15.80
CA ILE A 209 5.07 -6.46 15.09
C ILE A 209 5.54 -7.71 14.35
N ASN A 210 4.64 -8.69 14.24
CA ASN A 210 4.94 -9.92 13.53
C ASN A 210 4.24 -9.91 12.18
N ALA A 211 5.02 -9.70 11.12
CA ALA A 211 4.50 -9.68 9.76
C ALA A 211 5.44 -10.46 8.87
N GLY A 212 5.02 -10.71 7.64
CA GLY A 212 5.88 -11.42 6.71
C GLY A 212 7.16 -10.65 6.53
N LYS A 213 7.06 -9.50 5.86
CA LYS A 213 8.22 -8.66 5.60
C LYS A 213 7.90 -7.18 5.82
N ILE A 214 8.92 -6.42 6.19
CA ILE A 214 8.76 -4.98 6.42
C ILE A 214 9.55 -4.21 5.36
N PHE A 215 8.91 -3.19 4.79
CA PHE A 215 9.54 -2.38 3.75
C PHE A 215 9.78 -0.95 4.20
N LEU A 216 10.74 -0.29 3.55
CA LEU A 216 11.08 1.10 3.84
C LEU A 216 10.31 2.00 2.87
N GLY A 217 9.26 2.65 3.37
CA GLY A 217 8.47 3.53 2.53
C GLY A 217 9.06 4.91 2.40
N LEU A 218 9.21 5.40 1.17
CA LEU A 218 9.79 6.71 0.92
C LEU A 218 9.13 7.43 -0.24
N PRO A 219 9.32 8.77 -0.31
CA PRO A 219 8.74 9.55 -1.41
C PRO A 219 9.65 9.33 -2.61
N ALA A 220 9.07 9.15 -3.79
CA ALA A 220 9.86 8.92 -5.00
C ALA A 220 10.56 10.18 -5.48
N ALA A 221 10.14 11.33 -4.96
CA ALA A 221 10.73 12.60 -5.36
C ALA A 221 10.41 13.68 -4.33
N PRO A 222 11.13 14.82 -4.38
CA PRO A 222 10.89 15.91 -3.43
C PRO A 222 9.45 16.42 -3.48
N GLU A 223 8.83 16.31 -4.65
CA GLU A 223 7.46 16.77 -4.83
C GLU A 223 6.43 15.75 -4.33
N ALA A 224 6.86 14.51 -4.13
CA ALA A 224 5.96 13.45 -3.70
C ALA A 224 5.45 13.60 -2.27
N ALA A 225 6.15 14.36 -1.45
CA ALA A 225 5.75 14.56 -0.07
C ALA A 225 6.20 15.92 0.46
N GLY A 226 5.63 16.33 1.58
CA GLY A 226 5.99 17.61 2.17
C GLY A 226 7.38 17.57 2.77
N SER A 227 7.81 16.38 3.18
CA SER A 227 9.13 16.21 3.77
C SER A 227 9.48 14.73 3.91
N GLY A 228 10.78 14.43 3.96
CA GLY A 228 11.21 13.06 4.12
C GLY A 228 11.97 12.48 2.94
N TYR A 229 12.06 13.23 1.84
CA TYR A 229 12.77 12.76 0.66
C TYR A 229 14.23 12.43 0.96
N VAL A 230 14.71 11.32 0.42
CA VAL A 230 16.09 10.90 0.59
C VAL A 230 16.77 10.75 -0.76
N PRO A 231 17.82 11.54 -1.03
CA PRO A 231 18.51 11.43 -2.32
C PRO A 231 18.98 10.00 -2.53
N PRO A 232 18.91 9.52 -3.79
CA PRO A 232 19.31 8.15 -4.15
C PRO A 232 20.66 7.70 -3.57
N ASP A 233 21.68 8.55 -3.70
CA ASP A 233 23.01 8.21 -3.20
C ASP A 233 23.02 7.96 -1.70
N VAL A 234 22.28 8.79 -0.96
CA VAL A 234 22.20 8.66 0.49
C VAL A 234 21.54 7.35 0.89
N LEU A 235 20.42 7.03 0.25
CA LEU A 235 19.70 5.80 0.53
C LEU A 235 20.59 4.59 0.25
N ILE A 236 21.27 4.64 -0.89
CA ILE A 236 22.14 3.54 -1.32
C ILE A 236 23.38 3.32 -0.45
N SER A 237 24.07 4.40 -0.10
CA SER A 237 25.30 4.29 0.67
C SER A 237 25.20 4.38 2.19
N ARG A 238 24.08 4.88 2.70
CA ARG A 238 23.94 5.03 4.14
C ARG A 238 22.78 4.27 4.78
N ILE A 239 21.61 4.33 4.16
CA ILE A 239 20.43 3.69 4.73
C ILE A 239 20.26 2.21 4.40
N LEU A 240 20.29 1.86 3.12
CA LEU A 240 20.12 0.46 2.71
C LEU A 240 21.14 -0.51 3.33
N PRO A 241 22.42 -0.09 3.43
CA PRO A 241 23.43 -0.98 4.01
C PRO A 241 23.11 -1.43 5.44
N GLU A 242 22.33 -0.62 6.14
CA GLU A 242 21.94 -0.92 7.52
C GLU A 242 20.63 -1.68 7.65
N ILE A 243 19.55 -1.15 7.08
CA ILE A 243 18.24 -1.79 7.21
C ILE A 243 18.17 -3.17 6.55
N LYS A 244 19.01 -3.41 5.55
CA LYS A 244 19.01 -4.70 4.88
C LYS A 244 19.60 -5.81 5.74
N LYS A 245 20.12 -5.45 6.91
CA LYS A 245 20.70 -6.42 7.82
C LYS A 245 19.62 -7.17 8.56
N SER A 246 18.43 -6.58 8.65
CA SER A 246 17.31 -7.21 9.33
C SER A 246 16.74 -8.35 8.48
N PRO A 247 16.48 -9.51 9.11
CA PRO A 247 15.94 -10.65 8.36
C PRO A 247 14.51 -10.40 7.89
N LYS A 248 13.86 -9.39 8.47
CA LYS A 248 12.48 -9.04 8.11
C LYS A 248 12.44 -8.05 6.94
N TYR A 249 13.60 -7.56 6.53
CA TYR A 249 13.68 -6.63 5.42
C TYR A 249 13.00 -7.19 4.18
N GLY A 250 12.04 -6.43 3.63
CA GLY A 250 11.34 -6.89 2.45
C GLY A 250 11.73 -6.09 1.21
N GLY A 251 12.16 -4.87 1.42
CA GLY A 251 12.54 -4.02 0.31
C GLY A 251 12.17 -2.56 0.53
N VAL A 252 11.77 -1.89 -0.55
CA VAL A 252 11.40 -0.48 -0.49
C VAL A 252 10.03 -0.21 -1.11
N MET A 253 9.31 0.74 -0.53
CA MET A 253 8.00 1.14 -1.03
C MET A 253 8.11 2.59 -1.49
N LEU A 254 7.43 2.94 -2.58
CA LEU A 254 7.54 4.30 -3.11
C LEU A 254 6.21 4.96 -3.47
N TRP A 255 6.11 6.23 -3.11
CA TRP A 255 4.96 7.04 -3.47
C TRP A 255 5.50 8.19 -4.31
N SER A 256 5.19 8.21 -5.60
CA SER A 256 4.34 7.20 -6.25
C SER A 256 4.88 6.95 -7.65
N LYS A 257 4.11 6.25 -8.47
CA LYS A 257 4.52 5.96 -9.85
C LYS A 257 4.81 7.25 -10.60
N PHE A 258 3.88 8.21 -10.50
CA PHE A 258 4.03 9.49 -11.17
C PHE A 258 5.35 10.19 -10.82
N TYR A 259 5.66 10.24 -9.54
CA TYR A 259 6.88 10.91 -9.08
C TYR A 259 8.12 10.07 -9.27
N ASP A 260 7.95 8.76 -9.41
CA ASP A 260 9.07 7.88 -9.63
C ASP A 260 9.58 8.15 -11.05
N ASP A 261 8.65 8.35 -11.98
CA ASP A 261 9.00 8.63 -13.37
C ASP A 261 9.75 9.95 -13.55
N LYS A 262 9.25 11.01 -12.92
CA LYS A 262 9.85 12.32 -13.05
C LYS A 262 11.21 12.43 -12.37
N ASN A 263 11.45 11.58 -11.37
CA ASN A 263 12.69 11.63 -10.62
C ASN A 263 13.63 10.47 -10.94
N GLY A 264 13.09 9.43 -11.58
CA GLY A 264 13.89 8.27 -11.93
C GLY A 264 14.48 7.58 -10.72
N TYR A 265 13.69 7.51 -9.66
CA TYR A 265 14.13 6.94 -8.39
C TYR A 265 14.42 5.44 -8.45
N SER A 266 13.41 4.65 -8.82
CA SER A 266 13.58 3.20 -8.89
C SER A 266 14.67 2.80 -9.87
N SER A 267 14.84 3.58 -10.94
CA SER A 267 15.87 3.27 -11.92
C SER A 267 17.26 3.42 -11.32
N SER A 268 17.39 4.29 -10.32
CA SER A 268 18.67 4.52 -9.66
C SER A 268 18.93 3.55 -8.51
N ILE A 269 17.89 3.17 -7.78
CA ILE A 269 18.07 2.32 -6.61
C ILE A 269 17.70 0.84 -6.76
N LEU A 270 16.94 0.52 -7.80
CA LEU A 270 16.47 -0.85 -8.03
C LEU A 270 17.39 -1.98 -7.57
N ASP A 271 18.59 -2.05 -8.16
CA ASP A 271 19.53 -3.12 -7.84
C ASP A 271 20.01 -3.15 -6.39
N SER A 272 19.97 -2.01 -5.71
CA SER A 272 20.41 -1.92 -4.33
C SER A 272 19.34 -2.35 -3.34
N VAL A 273 18.10 -2.45 -3.82
CA VAL A 273 16.99 -2.85 -2.95
C VAL A 273 16.99 -4.36 -2.76
C1 NAG B . 1.06 9.53 1.29
C2 NAG B . -0.35 9.05 0.89
C3 NAG B . -0.85 9.75 -0.38
C4 NAG B . -0.53 11.24 -0.43
C5 NAG B . 0.91 11.52 0.00
C6 NAG B . 1.23 12.99 0.08
C7 NAG B . -0.84 6.79 1.54
C8 NAG B . -0.54 5.31 1.35
N2 NAG B . -0.32 7.62 0.66
O1 NAG B . 1.35 9.07 2.56
O3 NAG B . -2.25 9.57 -0.49
O4 NAG B . -0.70 11.72 -1.78
O5 NAG B . 1.13 10.95 1.30
O6 NAG B . 2.60 13.20 0.36
O7 NAG B . -1.54 7.15 2.49
C1 NAG B . -1.82 12.47 -2.08
C2 NAG B . -1.63 13.13 -3.45
C3 NAG B . -2.91 13.83 -3.90
C4 NAG B . -4.06 12.82 -3.87
C5 NAG B . -4.18 12.22 -2.48
C6 NAG B . -5.28 11.17 -2.38
C7 NAG B . 0.64 13.79 -3.94
C8 NAG B . 1.76 14.81 -3.77
N2 NAG B . -0.54 14.09 -3.38
O3 NAG B . -2.73 14.33 -5.21
O4 NAG B . -5.30 13.46 -4.24
O5 NAG B . -2.95 11.57 -2.11
O6 NAG B . -5.32 10.57 -1.10
O7 NAG B . 0.84 12.75 -4.55
C1 NAG B . -5.64 13.32 -5.58
C2 NAG B . -7.14 13.14 -5.74
C3 NAG B . -7.47 13.02 -7.25
C4 NAG B . -6.81 14.13 -8.09
C5 NAG B . -5.34 14.32 -7.71
C6 NAG B . -4.70 15.53 -8.36
C7 NAG B . -8.59 11.92 -4.22
C8 NAG B . -8.91 10.61 -3.52
N2 NAG B . -7.56 11.92 -5.07
O3 NAG B . -8.88 13.07 -7.43
O4 NAG B . -6.88 13.76 -9.48
O5 NAG B . -5.21 14.48 -6.28
O6 NAG B . -5.39 16.72 -8.03
O7 NAG B . -9.28 12.92 -4.00
C1 NAG B . -7.80 14.41 -10.28
C2 NAG B . -7.37 14.27 -11.76
C3 NAG B . -8.45 14.88 -12.67
C4 NAG B . -9.80 14.25 -12.36
C5 NAG B . -10.12 14.39 -10.87
C6 NAG B . -11.42 13.70 -10.49
C7 NAG B . -5.02 14.20 -12.28
C8 NAG B . -3.68 14.92 -12.27
N2 NAG B . -6.10 14.92 -11.98
O3 NAG B . -8.09 14.64 -14.03
O4 NAG B . -10.81 14.88 -13.13
O5 NAG B . -9.08 13.79 -10.08
O6 NAG B . -11.53 13.56 -9.08
O7 NAG B . -5.07 12.99 -12.52
S SO4 C . -4.66 -0.67 -17.54
O1 SO4 C . -3.30 -1.03 -17.98
O2 SO4 C . -5.26 -1.82 -16.83
O3 SO4 C . -5.49 -0.34 -18.73
O4 SO4 C . -4.62 0.49 -16.64
#